data_7WDV
#
_entry.id   7WDV
#
_cell.length_a   203.051
_cell.length_b   203.051
_cell.length_c   203.051
_cell.angle_alpha   90.000
_cell.angle_beta   90.000
_cell.angle_gamma   90.000
#
_symmetry.space_group_name_H-M   'I 4 3 2'
#
loop_
_entity.id
_entity.type
_entity.pdbx_description
1 polymer Beta-glucosidase
2 branched beta-D-glucopyranose-(1-4)-beta-D-glucopyranose
3 non-polymer beta-D-glucopyranose
4 non-polymer 'SULFATE ION'
5 water water
#
_entity_poly.entity_id   1
_entity_poly.type   'polypeptide(L)'
_entity_poly.pdbx_seq_one_letter_code
;MVSTQNEPHRFPPDFQWGVATSSYQIEGAVEADGRSPSIWDTFCARPGAIADGSTGAIANDHYHRYREDIAIMKQLGVNA
YRFSIAWPRILPDGRGRVNQAGVDFYERLVDSLLEQGIEPYATLYHWDMPQVQHDRTPWYDRGVVDAFVEYTDVITRRLS
DRVKYWMTLNEPWVISFLGYGAGEHAPGLRDKELYLRAAHHVLLAHGKAMPVIRANGNAQTKAGIVLNLNWVNAASDSPE
DQAAARRYDQFFNRWFAEPLYNGRYPEELLEWYGRDLVPVQPGDFDIITTPTDFLAVNYYARTTVKAGSTDPMLQVDFVR
PPGEYTAMDWEVYPQGLYNILNWLHTDYAPPALYVTANGAAYDDQVSAAGEVDDPQRLAYLEGHFEAAYRAIQAGIPLKG
YFVWSLMDNFEWGRGFEKRFGIVFVDYATQQRIIKRSGKWFSQVTRANGLPAPQTTLP
;
_entity_poly.pdbx_strand_id   A
#
loop_
_chem_comp.id
_chem_comp.type
_chem_comp.name
_chem_comp.formula
BGC D-saccharide, beta linking beta-D-glucopyranose 'C6 H12 O6'
SO4 non-polymer 'SULFATE ION' 'O4 S -2'
#
# COMPACT_ATOMS: atom_id res chain seq x y z
N GLU A 7 -27.20 13.15 -17.81
CA GLU A 7 -26.99 12.32 -16.60
C GLU A 7 -25.50 12.19 -16.32
N PRO A 8 -24.93 12.94 -15.35
CA PRO A 8 -23.51 12.82 -14.99
C PRO A 8 -23.23 11.49 -14.27
N HIS A 9 -21.97 11.09 -14.26
CA HIS A 9 -21.61 9.78 -13.73
C HIS A 9 -21.38 9.94 -12.21
N ARG A 10 -22.46 9.80 -11.43
CA ARG A 10 -22.44 9.99 -9.99
C ARG A 10 -22.13 8.65 -9.31
N PHE A 11 -21.21 8.68 -8.34
CA PHE A 11 -20.91 7.52 -7.53
C PHE A 11 -21.99 7.35 -6.47
N PRO A 12 -22.00 6.24 -5.71
CA PRO A 12 -22.92 6.08 -4.61
C PRO A 12 -22.80 7.18 -3.59
N PRO A 13 -23.92 7.51 -2.90
CA PRO A 13 -23.95 8.64 -1.98
C PRO A 13 -22.91 8.63 -0.85
N ASP A 14 -22.57 7.46 -0.32
CA ASP A 14 -21.62 7.44 0.80
C ASP A 14 -20.22 6.96 0.32
N PHE A 15 -19.94 7.11 -0.98
CA PHE A 15 -18.66 6.69 -1.52
C PHE A 15 -17.52 7.43 -0.83
N GLN A 16 -16.41 6.74 -0.49
CA GLN A 16 -15.28 7.35 0.23
C GLN A 16 -14.22 7.77 -0.78
N TRP A 17 -13.96 9.07 -0.86
CA TRP A 17 -12.96 9.63 -1.73
C TRP A 17 -11.81 10.02 -0.85
N GLY A 18 -10.62 9.47 -1.12
CA GLY A 18 -9.52 9.75 -0.23
C GLY A 18 -8.20 9.94 -0.96
N VAL A 19 -7.22 10.20 -0.12
CA VAL A 19 -5.83 10.21 -0.51
C VAL A 19 -5.12 9.31 0.51
N ALA A 20 -3.98 8.79 0.06
CA ALA A 20 -3.17 7.85 0.82
C ALA A 20 -1.72 8.30 0.92
N THR A 21 -1.15 7.95 2.08
CA THR A 21 0.27 8.12 2.39
C THR A 21 0.75 6.93 3.24
N SER A 22 2.05 6.94 3.57
CA SER A 22 2.60 6.06 4.60
C SER A 22 3.60 6.82 5.46
N SER A 23 3.78 6.34 6.72
CA SER A 23 4.60 7.02 7.73
C SER A 23 6.01 7.34 7.28
N TYR A 24 6.81 6.36 6.84
CA TYR A 24 8.20 6.65 6.53
C TYR A 24 8.29 7.55 5.29
N GLN A 25 7.29 7.49 4.41
CA GLN A 25 7.40 8.25 3.18
C GLN A 25 7.14 9.74 3.44
N ILE A 26 6.42 10.10 4.53
CA ILE A 26 6.05 11.54 4.70
C ILE A 26 6.53 12.16 6.02
N GLU A 27 6.67 11.35 7.06
CA GLU A 27 6.74 11.92 8.40
C GLU A 27 8.04 12.67 8.70
N GLY A 28 9.21 12.17 8.28
CA GLY A 28 10.47 12.70 8.77
C GLY A 28 10.57 12.57 10.27
N ALA A 29 11.28 13.55 10.86
CA ALA A 29 11.48 13.57 12.31
C ALA A 29 11.85 12.18 12.82
N VAL A 30 12.83 11.56 12.19
CA VAL A 30 13.14 10.14 12.41
C VAL A 30 13.73 9.85 13.80
N GLU A 31 14.32 10.86 14.45
CA GLU A 31 14.72 10.65 15.86
C GLU A 31 13.81 11.34 16.88
N ALA A 32 12.69 11.91 16.45
CA ALA A 32 11.87 12.75 17.33
C ALA A 32 11.09 11.88 18.31
N ASP A 33 10.98 12.37 19.57
CA ASP A 33 9.96 11.87 20.46
C ASP A 33 10.09 10.36 20.65
N GLY A 34 11.33 9.87 20.77
CA GLY A 34 11.55 8.49 21.20
C GLY A 34 11.57 7.47 20.05
N ARG A 35 11.41 7.92 18.78
CA ARG A 35 11.36 6.96 17.66
C ARG A 35 12.73 6.31 17.53
N SER A 36 12.74 5.00 17.25
CA SER A 36 13.97 4.27 16.99
C SER A 36 14.13 4.06 15.48
N PRO A 37 15.32 3.69 14.98
CA PRO A 37 15.49 3.45 13.55
C PRO A 37 14.66 2.26 13.07
N SER A 38 14.00 2.46 11.90
CA SER A 38 13.37 1.38 11.17
C SER A 38 14.38 0.68 10.27
N ILE A 39 13.95 -0.44 9.66
CA ILE A 39 14.77 -1.13 8.68
C ILE A 39 15.00 -0.26 7.46
N TRP A 40 14.17 0.78 7.21
CA TRP A 40 14.41 1.69 6.08
C TRP A 40 15.44 2.75 6.41
N ASP A 41 15.46 3.24 7.67
CA ASP A 41 16.55 4.10 8.07
C ASP A 41 17.89 3.40 7.80
N THR A 42 17.95 2.10 8.12
CA THR A 42 19.17 1.31 7.91
C THR A 42 19.47 1.12 6.42
N PHE A 43 18.48 0.71 5.63
CA PHE A 43 18.65 0.38 4.22
C PHE A 43 19.05 1.59 3.39
N CYS A 44 18.55 2.79 3.74
CA CYS A 44 18.91 3.96 2.96
C CYS A 44 20.43 4.22 3.03
N ALA A 45 21.12 3.65 4.03
CA ALA A 45 22.58 3.84 4.09
C ALA A 45 23.30 3.00 3.05
N ARG A 46 22.68 1.97 2.48
CA ARG A 46 23.38 1.04 1.60
CA ARG A 46 23.33 1.03 1.60
C ARG A 46 23.59 1.71 0.24
N PRO A 47 24.84 1.71 -0.27
CA PRO A 47 25.13 2.29 -1.57
C PRO A 47 24.38 1.52 -2.65
N GLY A 48 23.74 2.27 -3.59
CA GLY A 48 22.94 1.66 -4.62
C GLY A 48 21.48 1.37 -4.24
N ALA A 49 21.08 1.43 -2.96
CA ALA A 49 19.74 1.01 -2.59
C ALA A 49 18.69 2.04 -3.04
N ILE A 50 19.03 3.35 -2.94
CA ILE A 50 18.13 4.47 -3.28
C ILE A 50 18.72 5.19 -4.49
N ALA A 51 17.93 5.30 -5.57
CA ALA A 51 18.48 5.69 -6.86
C ALA A 51 19.14 7.06 -6.80
N ASP A 52 18.64 7.98 -5.98
CA ASP A 52 19.18 9.35 -5.91
C ASP A 52 20.02 9.56 -4.66
N GLY A 53 20.31 8.51 -3.89
CA GLY A 53 21.10 8.61 -2.68
C GLY A 53 20.40 9.26 -1.51
N SER A 54 19.06 9.37 -1.57
CA SER A 54 18.35 10.09 -0.52
C SER A 54 17.93 9.16 0.62
N THR A 55 17.36 9.75 1.67
CA THR A 55 16.76 9.01 2.77
C THR A 55 15.42 9.64 3.15
N GLY A 56 14.69 9.01 4.07
CA GLY A 56 13.48 9.60 4.55
C GLY A 56 13.65 10.37 5.85
N ALA A 57 14.87 10.87 6.13
CA ALA A 57 15.11 11.49 7.43
C ALA A 57 14.21 12.70 7.65
N ILE A 58 14.04 13.48 6.58
CA ILE A 58 13.20 14.69 6.62
C ILE A 58 11.86 14.49 5.89
N ALA A 59 11.91 13.91 4.70
CA ALA A 59 10.71 13.60 3.91
C ALA A 59 9.87 14.87 3.74
N ASN A 60 8.58 14.81 4.03
CA ASN A 60 7.69 15.95 3.91
C ASN A 60 7.54 16.69 5.26
N ASP A 61 8.28 16.25 6.29
CA ASP A 61 8.19 16.81 7.64
C ASP A 61 6.75 16.83 8.16
N HIS A 62 5.97 15.80 7.81
CA HIS A 62 4.58 15.75 8.16
C HIS A 62 4.39 15.58 9.67
N TYR A 63 5.39 15.02 10.37
CA TYR A 63 5.28 14.87 11.81
C TYR A 63 4.99 16.24 12.47
N HIS A 64 5.63 17.26 11.94
CA HIS A 64 5.40 18.64 12.39
C HIS A 64 4.30 19.37 11.61
N ARG A 65 4.14 19.11 10.31
CA ARG A 65 3.25 19.88 9.47
C ARG A 65 1.89 19.24 9.22
N TYR A 66 1.52 18.19 9.95
CA TYR A 66 0.26 17.48 9.74
C TYR A 66 -0.96 18.39 9.70
N ARG A 67 -1.01 19.46 10.52
CA ARG A 67 -2.20 20.33 10.51
C ARG A 67 -2.38 21.01 9.17
N GLU A 68 -1.29 21.49 8.58
CA GLU A 68 -1.25 22.12 7.27
C GLU A 68 -1.68 21.11 6.20
N ASP A 69 -1.23 19.86 6.34
CA ASP A 69 -1.61 18.81 5.40
C ASP A 69 -3.10 18.52 5.50
N ILE A 70 -3.66 18.51 6.72
CA ILE A 70 -5.08 18.31 6.91
C ILE A 70 -5.89 19.44 6.22
N ALA A 71 -5.41 20.68 6.32
CA ALA A 71 -6.08 21.79 5.66
C ALA A 71 -6.02 21.62 4.15
N ILE A 72 -4.93 21.05 3.60
CA ILE A 72 -4.91 20.74 2.18
C ILE A 72 -5.99 19.71 1.87
N MET A 73 -6.11 18.66 2.70
CA MET A 73 -7.10 17.64 2.48
C MET A 73 -8.50 18.26 2.48
N LYS A 74 -8.72 19.31 3.28
CA LYS A 74 -10.01 19.99 3.27
C LYS A 74 -10.19 20.72 1.95
N GLN A 75 -9.15 21.39 1.42
CA GLN A 75 -9.24 21.95 0.08
C GLN A 75 -9.56 20.88 -0.96
N LEU A 76 -9.01 19.66 -0.84
CA LEU A 76 -9.24 18.64 -1.84
C LEU A 76 -10.66 18.06 -1.73
N GLY A 77 -11.32 18.21 -0.59
CA GLY A 77 -12.68 17.74 -0.42
C GLY A 77 -12.80 16.26 -0.10
N VAL A 78 -11.70 15.61 0.29
CA VAL A 78 -11.76 14.20 0.62
C VAL A 78 -12.65 13.99 1.85
N ASN A 79 -13.26 12.82 1.94
CA ASN A 79 -13.96 12.47 3.17
C ASN A 79 -13.28 11.28 3.87
N ALA A 80 -12.11 10.86 3.37
CA ALA A 80 -11.33 9.80 3.97
C ALA A 80 -9.82 10.05 3.75
N TYR A 81 -9.00 9.52 4.66
CA TYR A 81 -7.55 9.65 4.60
C TYR A 81 -6.92 8.35 5.08
N ARG A 82 -6.12 7.75 4.17
CA ARG A 82 -5.39 6.52 4.47
C ARG A 82 -3.94 6.84 4.78
N PHE A 83 -3.52 6.44 6.00
CA PHE A 83 -2.19 6.72 6.50
C PHE A 83 -1.67 5.44 7.17
N SER A 84 -0.35 5.37 7.45
CA SER A 84 0.16 4.27 8.28
C SER A 84 0.70 4.78 9.61
N ILE A 85 0.77 3.84 10.56
CA ILE A 85 1.37 4.08 11.86
C ILE A 85 2.74 3.42 11.90
N ALA A 86 3.67 4.17 12.45
CA ALA A 86 5.04 3.79 12.55
C ALA A 86 5.25 3.00 13.84
N TRP A 87 5.41 1.69 13.67
CA TRP A 87 5.77 0.81 14.79
C TRP A 87 6.98 1.37 15.54
N PRO A 88 8.03 1.89 14.92
CA PRO A 88 9.16 2.48 15.66
C PRO A 88 8.82 3.68 16.55
N ARG A 89 7.68 4.34 16.30
CA ARG A 89 7.24 5.39 17.22
C ARG A 89 6.42 4.82 18.37
N ILE A 90 5.69 3.70 18.19
CA ILE A 90 4.80 3.13 19.19
C ILE A 90 5.57 2.26 20.19
N LEU A 91 6.41 1.35 19.68
CA LEU A 91 7.22 0.41 20.49
C LEU A 91 8.64 0.52 19.96
N PRO A 92 9.37 1.57 20.31
CA PRO A 92 10.69 1.79 19.79
C PRO A 92 11.69 0.65 20.06
N ASP A 93 11.44 -0.13 21.11
CA ASP A 93 12.28 -1.31 21.38
C ASP A 93 11.71 -2.56 20.71
N GLY A 94 10.71 -2.39 19.82
CA GLY A 94 10.12 -3.50 19.09
C GLY A 94 8.97 -4.10 19.83
N ARG A 95 9.19 -4.32 21.15
CA ARG A 95 8.20 -4.84 22.06
C ARG A 95 8.36 -4.08 23.38
N GLY A 96 7.56 -4.42 24.39
CA GLY A 96 7.84 -3.88 25.72
C GLY A 96 7.19 -2.53 25.93
N ARG A 97 7.98 -1.52 26.26
CA ARG A 97 7.47 -0.26 26.77
C ARG A 97 6.84 0.60 25.66
N VAL A 98 5.57 0.98 25.83
CA VAL A 98 4.89 1.89 24.92
C VAL A 98 5.50 3.28 25.01
N ASN A 99 5.80 3.89 23.85
CA ASN A 99 6.29 5.25 23.76
C ASN A 99 5.06 6.17 23.72
N GLN A 100 4.72 6.76 24.88
N GLN A 100 4.69 6.76 24.88
CA GLN A 100 3.54 7.60 25.02
CA GLN A 100 3.49 7.58 24.96
C GLN A 100 3.54 8.75 24.00
C GLN A 100 3.53 8.77 23.98
N ALA A 101 4.69 9.38 23.77
CA ALA A 101 4.79 10.52 22.86
C ALA A 101 4.47 10.08 21.40
N GLY A 102 4.79 8.83 21.07
CA GLY A 102 4.48 8.27 19.77
C GLY A 102 2.99 8.06 19.59
N VAL A 103 2.36 7.45 20.60
CA VAL A 103 0.93 7.31 20.58
C VAL A 103 0.27 8.68 20.44
N ASP A 104 0.80 9.66 21.18
CA ASP A 104 0.21 10.98 21.26
C ASP A 104 0.15 11.65 19.88
N PHE A 105 1.20 11.50 19.06
CA PHE A 105 1.18 11.99 17.69
C PHE A 105 -0.03 11.45 16.95
N TYR A 106 -0.26 10.12 16.93
CA TYR A 106 -1.39 9.55 16.19
C TYR A 106 -2.75 9.91 16.80
N GLU A 107 -2.86 10.07 18.13
CA GLU A 107 -4.05 10.66 18.73
C GLU A 107 -4.37 12.06 18.21
N ARG A 108 -3.38 12.94 18.14
CA ARG A 108 -3.53 14.31 17.66
C ARG A 108 -3.88 14.28 16.17
N LEU A 109 -3.25 13.38 15.40
CA LEU A 109 -3.54 13.29 13.98
C LEU A 109 -5.00 12.90 13.77
N VAL A 110 -5.45 11.83 14.43
CA VAL A 110 -6.79 11.29 14.28
C VAL A 110 -7.84 12.29 14.79
N ASP A 111 -7.60 12.89 15.95
CA ASP A 111 -8.53 13.91 16.44
C ASP A 111 -8.67 15.08 15.44
N SER A 112 -7.57 15.55 14.85
CA SER A 112 -7.59 16.60 13.85
C SER A 112 -8.34 16.17 12.59
N LEU A 113 -8.16 14.92 12.13
CA LEU A 113 -8.91 14.44 10.98
C LEU A 113 -10.41 14.41 11.29
N LEU A 114 -10.79 13.88 12.46
CA LEU A 114 -12.21 13.70 12.71
C LEU A 114 -12.92 15.06 12.89
N GLU A 115 -12.23 16.07 13.43
CA GLU A 115 -12.88 17.36 13.59
C GLU A 115 -13.02 18.04 12.22
N GLN A 116 -12.25 17.64 11.20
CA GLN A 116 -12.50 18.15 9.86
C GLN A 116 -13.46 17.26 9.08
N GLY A 117 -14.08 16.27 9.71
CA GLY A 117 -14.96 15.36 8.99
C GLY A 117 -14.21 14.46 8.00
N ILE A 118 -12.98 14.03 8.30
CA ILE A 118 -12.23 13.14 7.41
C ILE A 118 -12.12 11.79 8.10
N GLU A 119 -12.64 10.71 7.49
CA GLU A 119 -12.61 9.42 8.19
C GLU A 119 -11.21 8.81 8.11
N PRO A 120 -10.61 8.39 9.25
CA PRO A 120 -9.29 7.79 9.26
C PRO A 120 -9.31 6.32 8.88
N TYR A 121 -8.44 5.96 7.93
CA TYR A 121 -8.23 4.57 7.52
C TYR A 121 -6.77 4.23 7.86
N ALA A 122 -6.56 3.48 8.95
CA ALA A 122 -5.21 3.30 9.48
C ALA A 122 -4.63 1.96 9.04
N THR A 123 -3.46 2.04 8.39
CA THR A 123 -2.61 0.91 8.04
C THR A 123 -1.64 0.62 9.20
N LEU A 124 -1.67 -0.60 9.76
CA LEU A 124 -0.74 -0.93 10.84
C LEU A 124 0.69 -1.12 10.36
N TYR A 125 0.93 -1.86 9.26
CA TYR A 125 2.28 -2.08 8.82
C TYR A 125 2.46 -1.66 7.36
N HIS A 126 3.21 -0.58 7.17
CA HIS A 126 3.66 -0.15 5.86
C HIS A 126 5.19 -0.03 5.81
N TRP A 127 5.82 -1.16 6.20
CA TRP A 127 7.16 -1.57 5.79
C TRP A 127 8.29 -1.07 6.71
N ASP A 128 7.95 -0.45 7.85
CA ASP A 128 8.92 0.25 8.69
C ASP A 128 9.04 -0.45 10.05
N MET A 129 9.34 -1.75 10.01
CA MET A 129 9.66 -2.48 11.23
C MET A 129 10.82 -1.80 11.96
N PRO A 130 10.81 -1.70 13.30
CA PRO A 130 11.99 -1.22 14.02
C PRO A 130 13.19 -2.12 13.78
N GLN A 131 14.36 -1.53 13.53
CA GLN A 131 15.57 -2.30 13.29
C GLN A 131 15.84 -3.27 14.43
N VAL A 132 15.65 -2.82 15.67
CA VAL A 132 15.92 -3.66 16.82
C VAL A 132 14.99 -4.88 16.84
N GLN A 133 13.76 -4.76 16.35
CA GLN A 133 12.89 -5.90 16.20
C GLN A 133 13.30 -6.82 15.05
N HIS A 134 13.71 -6.25 13.92
CA HIS A 134 14.13 -7.06 12.80
C HIS A 134 15.34 -7.91 13.18
N ASP A 135 16.22 -7.35 14.01
CA ASP A 135 17.39 -8.10 14.44
C ASP A 135 16.99 -9.33 15.25
N ARG A 136 15.82 -9.30 15.92
CA ARG A 136 15.28 -10.45 16.65
C ARG A 136 14.42 -11.34 15.75
N THR A 137 13.49 -10.74 14.96
CA THR A 137 12.55 -11.50 14.19
C THR A 137 12.39 -10.86 12.80
N PRO A 138 13.24 -11.19 11.82
CA PRO A 138 12.96 -10.83 10.43
C PRO A 138 11.64 -11.47 10.01
N TRP A 139 11.08 -11.05 8.85
CA TRP A 139 9.84 -11.64 8.41
C TRP A 139 9.99 -13.14 8.14
N TYR A 140 11.19 -13.64 7.86
CA TYR A 140 11.34 -15.06 7.60
C TYR A 140 11.36 -15.92 8.87
N ASP A 141 11.28 -15.30 10.05
CA ASP A 141 11.24 -15.95 11.36
C ASP A 141 9.82 -15.91 11.91
N ARG A 142 9.24 -17.08 12.24
CA ARG A 142 7.84 -17.16 12.63
C ARG A 142 7.53 -16.33 13.87
N GLY A 143 8.57 -16.01 14.64
CA GLY A 143 8.37 -15.20 15.83
C GLY A 143 7.96 -13.74 15.52
N VAL A 144 8.06 -13.31 14.23
CA VAL A 144 7.63 -11.99 13.83
C VAL A 144 6.13 -11.84 14.04
N VAL A 145 5.38 -12.95 13.93
CA VAL A 145 3.94 -12.89 13.94
C VAL A 145 3.46 -12.38 15.29
N ASP A 146 3.98 -12.94 16.41
CA ASP A 146 3.53 -12.51 17.73
C ASP A 146 4.05 -11.11 18.05
N ALA A 147 5.18 -10.74 17.48
CA ALA A 147 5.71 -9.39 17.66
C ALA A 147 4.80 -8.37 17.00
N PHE A 148 4.32 -8.68 15.81
CA PHE A 148 3.38 -7.78 15.12
C PHE A 148 2.04 -7.72 15.84
N VAL A 149 1.53 -8.85 16.33
CA VAL A 149 0.27 -8.87 17.05
C VAL A 149 0.37 -8.02 18.34
N GLU A 150 1.49 -8.04 19.05
CA GLU A 150 1.65 -7.25 20.25
C GLU A 150 1.58 -5.74 19.94
N TYR A 151 2.30 -5.32 18.91
CA TYR A 151 2.18 -3.98 18.37
C TYR A 151 0.73 -3.62 18.03
N THR A 152 0.04 -4.49 17.29
CA THR A 152 -1.33 -4.29 16.91
C THR A 152 -2.19 -4.09 18.16
N ASP A 153 -1.94 -4.93 19.16
CA ASP A 153 -2.76 -4.85 20.37
C ASP A 153 -2.58 -3.47 21.03
N VAL A 154 -1.34 -3.01 21.21
CA VAL A 154 -1.07 -1.73 21.85
C VAL A 154 -1.78 -0.58 21.14
N ILE A 155 -1.67 -0.51 19.80
CA ILE A 155 -2.09 0.74 19.15
C ILE A 155 -3.61 0.71 18.93
N THR A 156 -4.20 -0.47 18.69
CA THR A 156 -5.63 -0.60 18.52
C THR A 156 -6.35 -0.34 19.85
N ARG A 157 -5.69 -0.68 20.97
CA ARG A 157 -6.27 -0.39 22.28
C ARG A 157 -6.44 1.12 22.44
N ARG A 158 -5.45 1.91 22.00
N ARG A 158 -5.48 1.91 21.96
CA ARG A 158 -5.45 3.34 22.20
CA ARG A 158 -5.42 3.33 22.22
C ARG A 158 -6.43 4.03 21.25
C ARG A 158 -6.20 4.16 21.19
N LEU A 159 -6.46 3.62 19.97
CA LEU A 159 -7.09 4.42 18.93
C LEU A 159 -8.45 3.89 18.48
N SER A 160 -8.88 2.72 18.94
CA SER A 160 -10.04 2.10 18.34
C SER A 160 -11.35 2.84 18.66
N ASP A 161 -11.35 3.73 19.66
CA ASP A 161 -12.52 4.53 19.96
C ASP A 161 -12.76 5.49 18.80
N ARG A 162 -11.70 5.84 18.04
CA ARG A 162 -11.79 6.85 17.00
C ARG A 162 -11.53 6.29 15.60
N VAL A 163 -10.78 5.18 15.49
CA VAL A 163 -10.54 4.59 14.19
C VAL A 163 -11.39 3.35 14.03
N LYS A 164 -12.24 3.34 13.01
CA LYS A 164 -13.12 2.23 12.70
C LYS A 164 -12.51 1.30 11.64
N TYR A 165 -11.80 1.87 10.67
CA TYR A 165 -11.21 1.15 9.54
C TYR A 165 -9.72 0.94 9.73
N TRP A 166 -9.30 -0.35 9.74
CA TRP A 166 -7.95 -0.79 10.01
C TRP A 166 -7.52 -1.71 8.86
N MET A 167 -6.34 -1.45 8.35
CA MET A 167 -5.71 -2.37 7.42
C MET A 167 -4.52 -2.98 8.12
N THR A 168 -4.36 -4.31 7.98
CA THR A 168 -3.31 -5.02 8.71
C THR A 168 -1.92 -4.74 8.14
N LEU A 169 -1.62 -5.29 6.95
CA LEU A 169 -0.32 -5.08 6.33
C LEU A 169 -0.51 -4.62 4.91
N ASN A 170 0.33 -3.67 4.54
CA ASN A 170 0.30 -3.09 3.20
C ASN A 170 1.13 -3.95 2.25
N GLU A 171 0.51 -4.59 1.24
CA GLU A 171 1.21 -5.22 0.13
C GLU A 171 2.22 -6.30 0.58
N PRO A 172 1.71 -7.48 0.98
CA PRO A 172 2.53 -8.66 1.30
C PRO A 172 3.55 -9.03 0.24
N TRP A 173 3.17 -8.92 -1.03
CA TRP A 173 4.10 -9.23 -2.11
C TRP A 173 5.32 -8.35 -2.03
N VAL A 174 5.13 -7.05 -1.73
CA VAL A 174 6.27 -6.13 -1.68
C VAL A 174 7.13 -6.48 -0.47
N ILE A 175 6.50 -6.65 0.69
CA ILE A 175 7.20 -6.93 1.94
C ILE A 175 8.10 -8.15 1.77
N SER A 176 7.54 -9.22 1.20
CA SER A 176 8.23 -10.50 1.10
C SER A 176 9.13 -10.55 -0.11
N PHE A 177 8.60 -10.36 -1.33
CA PHE A 177 9.40 -10.47 -2.52
C PHE A 177 10.44 -9.35 -2.65
N LEU A 178 10.06 -8.07 -2.59
CA LEU A 178 11.07 -7.03 -2.77
C LEU A 178 12.02 -6.96 -1.59
N GLY A 179 11.54 -7.27 -0.38
CA GLY A 179 12.35 -7.20 0.84
C GLY A 179 13.36 -8.35 0.98
N TYR A 180 12.95 -9.54 0.53
CA TYR A 180 13.68 -10.77 0.86
C TYR A 180 13.99 -11.61 -0.37
N GLY A 181 13.33 -11.35 -1.50
CA GLY A 181 13.52 -12.15 -2.71
C GLY A 181 14.27 -11.43 -3.81
N ALA A 182 14.18 -10.09 -3.89
CA ALA A 182 14.80 -9.29 -4.96
C ALA A 182 15.84 -8.35 -4.43
N GLY A 183 15.84 -8.10 -3.12
CA GLY A 183 16.84 -7.25 -2.54
C GLY A 183 16.60 -5.76 -2.81
N GLU A 184 15.41 -5.39 -3.27
CA GLU A 184 15.16 -4.01 -3.70
C GLU A 184 14.68 -3.11 -2.56
N HIS A 185 13.99 -3.70 -1.56
CA HIS A 185 13.47 -2.97 -0.42
C HIS A 185 14.12 -3.53 0.84
N ALA A 186 14.01 -2.76 1.93
CA ALA A 186 14.49 -3.19 3.23
C ALA A 186 13.83 -4.53 3.57
N PRO A 187 14.57 -5.50 4.15
CA PRO A 187 15.97 -5.32 4.56
C PRO A 187 17.05 -5.55 3.50
N GLY A 188 16.65 -5.84 2.26
CA GLY A 188 17.56 -5.93 1.14
C GLY A 188 18.22 -7.30 1.00
N LEU A 189 17.44 -8.34 1.25
CA LEU A 189 17.93 -9.68 1.02
C LEU A 189 17.35 -10.26 -0.26
N ARG A 190 18.02 -11.30 -0.80
CA ARG A 190 17.65 -11.85 -2.10
C ARG A 190 17.79 -13.38 -2.15
N ASP A 191 16.76 -14.05 -1.66
CA ASP A 191 16.78 -15.50 -1.52
C ASP A 191 15.36 -16.02 -1.64
N LYS A 192 15.16 -17.04 -2.48
CA LYS A 192 13.84 -17.56 -2.71
C LYS A 192 13.20 -18.07 -1.43
N GLU A 193 13.90 -18.92 -0.66
CA GLU A 193 13.34 -19.44 0.57
C GLU A 193 13.00 -18.31 1.56
N LEU A 194 13.85 -17.30 1.69
CA LEU A 194 13.53 -16.24 2.64
C LEU A 194 12.26 -15.51 2.21
N TYR A 195 12.11 -15.27 0.92
CA TYR A 195 10.92 -14.59 0.40
C TYR A 195 9.65 -15.39 0.72
N LEU A 196 9.69 -16.72 0.50
CA LEU A 196 8.55 -17.58 0.70
C LEU A 196 8.19 -17.75 2.17
N ARG A 197 9.19 -17.78 3.06
CA ARG A 197 8.91 -17.78 4.49
C ARG A 197 8.28 -16.44 4.90
N ALA A 198 8.86 -15.34 4.42
CA ALA A 198 8.32 -14.01 4.74
C ALA A 198 6.87 -13.87 4.27
N ALA A 199 6.59 -14.31 3.05
CA ALA A 199 5.24 -14.25 2.54
C ALA A 199 4.25 -14.97 3.46
N HIS A 200 4.62 -16.18 3.89
CA HIS A 200 3.75 -16.97 4.74
C HIS A 200 3.51 -16.26 6.07
N HIS A 201 4.58 -15.70 6.67
CA HIS A 201 4.47 -15.07 7.96
C HIS A 201 3.72 -13.74 7.88
N VAL A 202 3.82 -13.04 6.75
CA VAL A 202 2.94 -11.89 6.56
C VAL A 202 1.48 -12.30 6.62
N LEU A 203 1.13 -13.41 5.96
CA LEU A 203 -0.26 -13.86 5.96
C LEU A 203 -0.71 -14.23 7.36
N LEU A 204 0.16 -14.93 8.09
CA LEU A 204 -0.20 -15.35 9.44
C LEU A 204 -0.31 -14.15 10.36
N ALA A 205 0.56 -13.13 10.20
CA ALA A 205 0.47 -11.91 11.01
C ALA A 205 -0.86 -11.19 10.78
N HIS A 206 -1.26 -11.09 9.51
CA HIS A 206 -2.59 -10.60 9.18
C HIS A 206 -3.63 -11.39 9.96
N GLY A 207 -3.64 -12.70 9.78
CA GLY A 207 -4.73 -13.50 10.33
C GLY A 207 -4.74 -13.48 11.87
N LYS A 208 -3.59 -13.46 12.53
CA LYS A 208 -3.64 -13.35 14.00
C LYS A 208 -3.95 -11.94 14.48
N ALA A 209 -3.68 -10.91 13.66
CA ALA A 209 -4.05 -9.56 14.07
C ALA A 209 -5.57 -9.34 14.00
N MET A 210 -6.27 -9.98 13.04
CA MET A 210 -7.68 -9.75 12.79
C MET A 210 -8.49 -9.84 14.09
N PRO A 211 -8.47 -10.95 14.86
CA PRO A 211 -9.26 -10.99 16.12
C PRO A 211 -8.85 -10.00 17.20
N VAL A 212 -7.57 -9.58 17.20
CA VAL A 212 -7.10 -8.57 18.14
C VAL A 212 -7.75 -7.22 17.81
N ILE A 213 -7.66 -6.80 16.55
CA ILE A 213 -8.38 -5.62 16.10
C ILE A 213 -9.88 -5.65 16.50
N ARG A 214 -10.54 -6.79 16.30
N ARG A 214 -10.59 -6.75 16.26
CA ARG A 214 -11.97 -6.96 16.53
CA ARG A 214 -12.02 -6.79 16.57
C ARG A 214 -12.33 -6.93 18.02
C ARG A 214 -12.23 -6.69 18.08
N ALA A 215 -11.41 -7.42 18.86
CA ALA A 215 -11.59 -7.48 20.31
C ALA A 215 -11.35 -6.11 20.93
N ASN A 216 -10.45 -5.32 20.34
CA ASN A 216 -10.13 -4.00 20.84
C ASN A 216 -11.14 -2.96 20.33
N GLY A 217 -11.95 -3.31 19.36
CA GLY A 217 -12.88 -2.37 18.75
C GLY A 217 -14.30 -2.60 19.27
N ASN A 218 -15.29 -2.29 18.43
CA ASN A 218 -16.70 -2.52 18.71
C ASN A 218 -17.31 -3.14 17.46
N ALA A 219 -18.65 -3.11 17.36
CA ALA A 219 -19.34 -3.78 16.27
C ALA A 219 -19.21 -2.99 14.97
N GLN A 220 -18.72 -1.74 15.04
CA GLN A 220 -18.54 -0.91 13.85
C GLN A 220 -17.18 -1.16 13.20
N THR A 221 -16.25 -1.81 13.92
CA THR A 221 -14.87 -2.01 13.48
C THR A 221 -14.82 -2.85 12.21
N LYS A 222 -14.05 -2.38 11.20
CA LYS A 222 -13.87 -3.10 9.96
C LYS A 222 -12.38 -3.23 9.70
N ALA A 223 -11.94 -4.40 9.26
CA ALA A 223 -10.53 -4.60 8.98
C ALA A 223 -10.33 -5.54 7.80
N GLY A 224 -9.14 -5.42 7.18
CA GLY A 224 -8.81 -6.22 6.03
C GLY A 224 -7.34 -6.00 5.71
N ILE A 225 -6.88 -6.70 4.68
CA ILE A 225 -5.50 -6.57 4.20
C ILE A 225 -5.50 -5.69 2.94
N VAL A 226 -4.31 -5.21 2.56
CA VAL A 226 -4.10 -4.49 1.30
C VAL A 226 -3.23 -5.31 0.37
N LEU A 227 -3.72 -5.67 -0.82
CA LEU A 227 -2.93 -6.40 -1.77
C LEU A 227 -2.59 -5.48 -2.94
N ASN A 228 -1.35 -5.54 -3.41
CA ASN A 228 -1.04 -4.98 -4.70
C ASN A 228 -1.39 -6.02 -5.76
N LEU A 229 -2.07 -5.56 -6.82
CA LEU A 229 -2.49 -6.41 -7.91
C LEU A 229 -2.31 -5.58 -9.18
N ASN A 230 -1.81 -6.22 -10.23
CA ASN A 230 -1.73 -5.60 -11.55
C ASN A 230 -2.37 -6.57 -12.53
N TRP A 231 -2.82 -6.02 -13.65
CA TRP A 231 -3.43 -6.86 -14.67
C TRP A 231 -2.34 -7.51 -15.53
N VAL A 232 -2.35 -8.84 -15.61
CA VAL A 232 -1.30 -9.56 -16.29
C VAL A 232 -1.77 -10.07 -17.65
N ASN A 233 -0.93 -9.88 -18.64
CA ASN A 233 -1.23 -10.24 -19.99
C ASN A 233 -0.05 -11.01 -20.60
N ALA A 234 -0.35 -12.04 -21.40
CA ALA A 234 0.63 -12.81 -22.17
C ALA A 234 1.05 -12.04 -23.42
N ALA A 235 2.34 -11.98 -23.73
CA ALA A 235 2.85 -11.20 -24.85
C ALA A 235 2.43 -11.78 -26.20
N SER A 236 2.16 -13.09 -26.26
CA SER A 236 1.77 -13.77 -27.49
C SER A 236 0.82 -14.88 -27.11
N ASP A 237 0.39 -15.72 -28.06
CA ASP A 237 -0.38 -16.88 -27.63
C ASP A 237 0.43 -18.17 -27.79
N SER A 238 1.76 -18.09 -27.94
CA SER A 238 2.54 -19.31 -27.85
C SER A 238 2.29 -19.94 -26.49
N PRO A 239 2.11 -21.28 -26.36
CA PRO A 239 1.77 -21.88 -25.06
C PRO A 239 2.79 -21.55 -23.97
N GLU A 240 4.04 -21.30 -24.35
CA GLU A 240 5.12 -20.96 -23.42
C GLU A 240 4.99 -19.53 -22.87
N ASP A 241 4.40 -18.62 -23.65
CA ASP A 241 4.17 -17.25 -23.20
C ASP A 241 2.92 -17.24 -22.31
N GLN A 242 1.91 -18.05 -22.67
CA GLN A 242 0.70 -18.20 -21.89
C GLN A 242 1.02 -18.78 -20.51
N ALA A 243 1.94 -19.75 -20.52
CA ALA A 243 2.34 -20.40 -19.29
C ALA A 243 3.14 -19.42 -18.45
N ALA A 244 4.01 -18.61 -19.08
CA ALA A 244 4.80 -17.62 -18.37
C ALA A 244 3.92 -16.52 -17.76
N ALA A 245 2.92 -16.05 -18.49
CA ALA A 245 1.96 -15.10 -17.94
C ALA A 245 1.23 -15.72 -16.74
N ARG A 246 0.77 -16.97 -16.86
CA ARG A 246 0.05 -17.61 -15.77
C ARG A 246 0.95 -17.69 -14.53
N ARG A 247 2.21 -18.07 -14.71
CA ARG A 247 3.12 -18.20 -13.59
C ARG A 247 3.33 -16.85 -12.90
N TYR A 248 3.53 -15.80 -13.72
CA TYR A 248 3.65 -14.45 -13.18
C TYR A 248 2.39 -14.01 -12.43
N ASP A 249 1.21 -14.30 -13.00
CA ASP A 249 -0.04 -13.94 -12.34
C ASP A 249 -0.17 -14.67 -11.00
N GLN A 250 0.21 -15.94 -10.95
CA GLN A 250 0.22 -16.69 -9.70
C GLN A 250 1.15 -16.03 -8.69
N PHE A 251 2.36 -15.66 -9.10
CA PHE A 251 3.38 -15.04 -8.28
C PHE A 251 2.95 -13.69 -7.70
N PHE A 252 2.40 -12.82 -8.57
CA PHE A 252 2.06 -11.46 -8.22
C PHE A 252 0.66 -11.30 -7.66
N ASN A 253 -0.37 -11.89 -8.29
CA ASN A 253 -1.76 -11.64 -7.97
C ASN A 253 -2.41 -12.75 -7.10
N ARG A 254 -2.07 -14.05 -7.31
CA ARG A 254 -2.82 -15.10 -6.64
C ARG A 254 -2.13 -15.62 -5.36
N TRP A 255 -0.83 -15.33 -5.19
CA TRP A 255 -0.04 -15.93 -4.11
C TRP A 255 -0.61 -15.62 -2.73
N PHE A 256 -1.23 -14.44 -2.54
CA PHE A 256 -1.79 -14.05 -1.24
C PHE A 256 -3.32 -14.17 -1.24
N ALA A 257 -3.96 -13.84 -2.38
CA ALA A 257 -5.40 -13.97 -2.49
C ALA A 257 -5.89 -15.42 -2.29
N GLU A 258 -5.22 -16.41 -2.88
CA GLU A 258 -5.69 -17.79 -2.78
C GLU A 258 -5.61 -18.25 -1.33
N PRO A 259 -4.51 -18.03 -0.57
CA PRO A 259 -4.54 -18.34 0.85
C PRO A 259 -5.62 -17.65 1.65
N LEU A 260 -5.82 -16.33 1.42
CA LEU A 260 -6.77 -15.56 2.19
C LEU A 260 -8.21 -16.06 2.04
N TYR A 261 -8.61 -16.50 0.85
CA TYR A 261 -9.99 -16.88 0.58
C TYR A 261 -10.18 -18.40 0.51
N ASN A 262 -9.19 -19.14 0.01
CA ASN A 262 -9.37 -20.56 -0.29
C ASN A 262 -8.45 -21.44 0.56
N GLY A 263 -7.61 -20.87 1.41
CA GLY A 263 -6.79 -21.70 2.29
C GLY A 263 -5.79 -22.61 1.55
N ARG A 264 -5.18 -22.09 0.49
CA ARG A 264 -4.19 -22.79 -0.31
C ARG A 264 -3.33 -21.80 -1.08
N TYR A 265 -2.09 -22.18 -1.38
CA TYR A 265 -1.29 -21.45 -2.32
C TYR A 265 -1.63 -21.94 -3.75
N PRO A 266 -1.38 -21.11 -4.80
CA PRO A 266 -1.36 -21.56 -6.21
C PRO A 266 -0.45 -22.76 -6.46
N GLU A 267 -1.07 -23.92 -6.68
CA GLU A 267 -0.38 -25.18 -6.46
C GLU A 267 0.77 -25.40 -7.45
N GLU A 268 0.57 -25.06 -8.72
CA GLU A 268 1.60 -25.35 -9.69
C GLU A 268 2.85 -24.47 -9.51
N LEU A 269 2.67 -23.22 -9.03
CA LEU A 269 3.82 -22.40 -8.69
C LEU A 269 4.50 -22.90 -7.42
N LEU A 270 3.72 -23.33 -6.43
CA LEU A 270 4.25 -23.87 -5.19
C LEU A 270 5.15 -25.08 -5.51
N GLU A 271 4.68 -25.91 -6.43
CA GLU A 271 5.46 -27.07 -6.89
C GLU A 271 6.75 -26.65 -7.56
N TRP A 272 6.66 -25.67 -8.48
CA TRP A 272 7.79 -25.14 -9.22
C TRP A 272 8.87 -24.61 -8.28
N TYR A 273 8.47 -23.89 -7.22
CA TYR A 273 9.43 -23.35 -6.28
C TYR A 273 10.12 -24.46 -5.45
N GLY A 274 9.34 -25.44 -5.02
CA GLY A 274 9.75 -26.38 -3.96
C GLY A 274 8.82 -26.22 -2.76
N ARG A 275 7.80 -27.04 -2.66
CA ARG A 275 6.75 -26.88 -1.67
C ARG A 275 7.28 -26.79 -0.24
N ASP A 276 8.37 -27.50 0.09
CA ASP A 276 8.88 -27.52 1.45
C ASP A 276 9.50 -26.18 1.90
N LEU A 277 9.70 -25.23 0.98
CA LEU A 277 10.29 -23.93 1.30
C LEU A 277 9.28 -23.06 2.04
N VAL A 278 7.98 -23.32 1.84
CA VAL A 278 6.96 -22.59 2.57
C VAL A 278 6.77 -23.24 3.92
N PRO A 279 6.97 -22.53 5.05
CA PRO A 279 6.92 -23.13 6.39
C PRO A 279 5.51 -23.21 6.97
N VAL A 280 4.65 -23.99 6.29
CA VAL A 280 3.25 -24.12 6.66
C VAL A 280 3.16 -25.09 7.85
N GLN A 281 2.49 -24.68 8.91
CA GLN A 281 2.27 -25.55 10.05
C GLN A 281 0.78 -25.86 10.12
N PRO A 282 0.36 -27.01 10.72
CA PRO A 282 -1.08 -27.28 10.89
C PRO A 282 -1.80 -26.13 11.60
N GLY A 283 -3.00 -25.76 11.09
CA GLY A 283 -3.80 -24.68 11.61
C GLY A 283 -3.54 -23.32 10.92
N ASP A 284 -2.48 -23.24 10.13
CA ASP A 284 -2.06 -21.95 9.55
C ASP A 284 -3.13 -21.42 8.60
N PHE A 285 -3.70 -22.25 7.73
CA PHE A 285 -4.70 -21.76 6.78
C PHE A 285 -6.00 -21.35 7.46
N ASP A 286 -6.33 -21.95 8.61
CA ASP A 286 -7.48 -21.55 9.40
C ASP A 286 -7.28 -20.15 9.99
N ILE A 287 -6.03 -19.81 10.37
CA ILE A 287 -5.71 -18.45 10.79
C ILE A 287 -5.74 -17.48 9.61
N ILE A 288 -5.08 -17.82 8.51
CA ILE A 288 -4.95 -16.94 7.35
C ILE A 288 -6.31 -16.59 6.76
N THR A 289 -7.25 -17.56 6.78
CA THR A 289 -8.57 -17.35 6.20
C THR A 289 -9.57 -16.65 7.12
N THR A 290 -9.15 -16.13 8.27
CA THR A 290 -9.99 -15.44 9.21
C THR A 290 -10.81 -14.37 8.49
N PRO A 291 -12.15 -14.35 8.62
CA PRO A 291 -12.96 -13.47 7.78
C PRO A 291 -12.61 -11.99 7.96
N THR A 292 -12.55 -11.31 6.79
CA THR A 292 -12.31 -9.87 6.75
C THR A 292 -13.58 -9.14 6.33
N ASP A 293 -13.63 -7.85 6.63
CA ASP A 293 -14.73 -6.96 6.24
C ASP A 293 -14.63 -6.43 4.82
N PHE A 294 -13.42 -6.36 4.32
CA PHE A 294 -13.16 -5.78 3.02
C PHE A 294 -11.84 -6.30 2.50
N LEU A 295 -11.63 -6.15 1.21
CA LEU A 295 -10.35 -6.35 0.57
C LEU A 295 -9.94 -5.03 -0.07
N ALA A 296 -8.73 -4.61 0.26
CA ALA A 296 -8.17 -3.38 -0.26
C ALA A 296 -7.18 -3.71 -1.35
N VAL A 297 -7.21 -2.91 -2.43
CA VAL A 297 -6.43 -3.15 -3.62
C VAL A 297 -5.60 -1.91 -3.98
N ASN A 298 -4.32 -2.14 -4.26
CA ASN A 298 -3.40 -1.14 -4.80
C ASN A 298 -3.11 -1.56 -6.24
N TYR A 299 -3.54 -0.74 -7.23
CA TYR A 299 -3.46 -1.10 -8.66
C TYR A 299 -2.75 0.03 -9.40
N TYR A 300 -1.85 -0.27 -10.35
CA TYR A 300 -1.15 0.75 -11.10
C TYR A 300 -1.10 0.47 -12.61
N ALA A 301 -1.02 -0.80 -13.04
CA ALA A 301 -0.53 -1.06 -14.39
C ALA A 301 -0.94 -2.43 -14.90
N ARG A 302 -0.78 -2.57 -16.22
CA ARG A 302 -0.81 -3.85 -16.91
C ARG A 302 0.62 -4.28 -17.12
N THR A 303 0.87 -5.54 -16.82
CA THR A 303 2.16 -6.18 -17.03
C THR A 303 2.02 -7.25 -18.11
N THR A 304 2.91 -7.19 -19.11
CA THR A 304 2.89 -8.13 -20.22
C THR A 304 4.16 -8.99 -20.18
N VAL A 305 3.94 -10.30 -20.21
CA VAL A 305 4.94 -11.30 -19.86
C VAL A 305 5.18 -12.22 -21.06
N LYS A 306 6.45 -12.57 -21.28
CA LYS A 306 6.77 -13.67 -22.20
C LYS A 306 7.71 -14.65 -21.49
N ALA A 307 7.75 -15.86 -22.04
CA ALA A 307 8.77 -16.83 -21.73
C ALA A 307 10.14 -16.24 -22.02
N GLY A 308 11.06 -16.42 -21.09
CA GLY A 308 12.36 -15.80 -21.16
C GLY A 308 13.17 -16.14 -19.93
N SER A 309 14.29 -15.45 -19.73
CA SER A 309 15.14 -15.74 -18.60
C SER A 309 15.67 -14.47 -17.96
N THR A 310 14.97 -13.34 -18.18
CA THR A 310 15.31 -12.07 -17.54
C THR A 310 15.24 -12.30 -16.04
N ASP A 311 14.02 -12.60 -15.55
CA ASP A 311 13.79 -13.10 -14.20
C ASP A 311 14.10 -14.60 -14.22
N PRO A 312 15.22 -15.03 -13.60
CA PRO A 312 15.59 -16.43 -13.57
C PRO A 312 14.67 -17.27 -12.65
N MET A 313 14.23 -16.69 -11.52
CA MET A 313 13.36 -17.39 -10.58
C MET A 313 12.08 -17.92 -11.28
N LEU A 314 11.43 -17.13 -12.17
CA LEU A 314 10.19 -17.53 -12.81
C LEU A 314 10.35 -17.86 -14.28
N GLN A 315 11.52 -17.52 -14.84
CA GLN A 315 11.76 -17.79 -16.24
C GLN A 315 10.74 -17.00 -17.06
N VAL A 316 10.72 -15.67 -16.84
CA VAL A 316 9.87 -14.81 -17.66
C VAL A 316 10.67 -13.59 -18.10
N ASP A 317 10.26 -12.96 -19.23
CA ASP A 317 10.68 -11.60 -19.56
C ASP A 317 9.42 -10.74 -19.73
N PHE A 318 9.60 -9.43 -19.62
CA PHE A 318 8.52 -8.46 -19.80
C PHE A 318 8.61 -7.80 -21.17
N VAL A 319 7.43 -7.55 -21.75
CA VAL A 319 7.27 -6.82 -22.98
C VAL A 319 6.49 -5.54 -22.64
N ARG A 320 6.85 -4.43 -23.28
CA ARG A 320 6.06 -3.21 -23.21
C ARG A 320 5.24 -3.04 -24.50
N PRO A 321 3.93 -3.26 -24.48
CA PRO A 321 3.10 -3.04 -25.66
C PRO A 321 3.16 -1.55 -26.03
N PRO A 322 2.94 -1.19 -27.32
CA PRO A 322 2.81 0.21 -27.70
C PRO A 322 1.66 0.81 -26.89
N GLY A 323 1.86 1.99 -26.31
CA GLY A 323 0.83 2.61 -25.49
C GLY A 323 1.43 3.76 -24.70
N GLU A 324 0.72 4.19 -23.63
CA GLU A 324 1.15 5.28 -22.79
C GLU A 324 1.82 4.71 -21.54
N TYR A 325 2.87 5.37 -21.11
CA TYR A 325 3.68 4.94 -19.98
C TYR A 325 3.89 6.13 -19.06
N THR A 326 3.98 5.86 -17.77
CA THR A 326 4.36 6.89 -16.79
C THR A 326 5.86 7.11 -16.81
N ALA A 327 6.32 8.06 -15.99
CA ALA A 327 7.76 8.17 -15.74
C ALA A 327 8.40 6.92 -15.11
N MET A 328 7.61 6.04 -14.47
CA MET A 328 8.13 4.81 -13.87
C MET A 328 8.22 3.72 -14.97
N ASP A 329 7.88 4.01 -16.23
CA ASP A 329 7.72 3.03 -17.30
C ASP A 329 6.68 1.96 -16.96
N TRP A 330 5.59 2.39 -16.31
CA TRP A 330 4.46 1.55 -16.00
C TRP A 330 3.34 1.86 -16.99
N GLU A 331 2.78 0.81 -17.62
CA GLU A 331 1.81 1.02 -18.67
C GLU A 331 0.51 1.53 -18.09
N VAL A 332 -0.05 2.57 -18.72
CA VAL A 332 -1.31 3.13 -18.30
C VAL A 332 -2.43 2.30 -18.95
N TYR A 333 -3.22 1.62 -18.14
CA TYR A 333 -4.18 0.67 -18.63
C TYR A 333 -5.38 0.60 -17.69
N PRO A 334 -6.28 1.62 -17.71
CA PRO A 334 -7.37 1.68 -16.75
C PRO A 334 -8.35 0.51 -16.80
N GLN A 335 -8.47 -0.12 -17.99
CA GLN A 335 -9.30 -1.32 -18.14
C GLN A 335 -8.85 -2.38 -17.12
N GLY A 336 -7.57 -2.42 -16.83
CA GLY A 336 -7.01 -3.42 -15.96
C GLY A 336 -7.58 -3.31 -14.57
N LEU A 337 -7.94 -2.11 -14.13
CA LEU A 337 -8.54 -1.93 -12.82
C LEU A 337 -9.91 -2.58 -12.76
N TYR A 338 -10.72 -2.32 -13.78
CA TYR A 338 -12.00 -2.99 -13.93
C TYR A 338 -11.84 -4.51 -13.93
N ASN A 339 -10.86 -4.99 -14.67
CA ASN A 339 -10.61 -6.43 -14.81
C ASN A 339 -10.22 -7.04 -13.45
N ILE A 340 -9.33 -6.38 -12.70
CA ILE A 340 -8.96 -6.85 -11.37
C ILE A 340 -10.16 -6.87 -10.44
N LEU A 341 -10.96 -5.77 -10.39
CA LEU A 341 -12.04 -5.72 -9.44
C LEU A 341 -13.05 -6.80 -9.76
N ASN A 342 -13.26 -7.04 -11.06
CA ASN A 342 -14.25 -7.98 -11.52
C ASN A 342 -13.82 -9.42 -11.21
N TRP A 343 -12.52 -9.71 -11.40
CA TRP A 343 -11.94 -11.00 -11.00
C TRP A 343 -12.12 -11.26 -9.51
N LEU A 344 -11.75 -10.29 -8.66
CA LEU A 344 -11.90 -10.47 -7.23
C LEU A 344 -13.36 -10.73 -6.84
N HIS A 345 -14.27 -9.90 -7.37
CA HIS A 345 -15.68 -10.04 -7.09
C HIS A 345 -16.21 -11.43 -7.45
N THR A 346 -15.86 -11.94 -8.63
CA THR A 346 -16.40 -13.19 -9.16
C THR A 346 -15.74 -14.35 -8.41
N ASP A 347 -14.45 -14.25 -8.06
CA ASP A 347 -13.72 -15.42 -7.58
C ASP A 347 -13.83 -15.57 -6.07
N TYR A 348 -13.86 -14.44 -5.35
CA TYR A 348 -13.71 -14.40 -3.90
C TYR A 348 -14.91 -13.78 -3.17
N ALA A 349 -15.67 -12.95 -3.89
CA ALA A 349 -16.88 -12.31 -3.40
C ALA A 349 -16.61 -11.55 -2.09
N PRO A 350 -15.59 -10.67 -2.01
CA PRO A 350 -15.40 -9.93 -0.77
C PRO A 350 -16.63 -9.02 -0.60
N PRO A 351 -17.14 -8.84 0.63
CA PRO A 351 -18.34 -8.04 0.83
C PRO A 351 -18.15 -6.55 0.51
N ALA A 352 -16.90 -6.08 0.52
CA ALA A 352 -16.57 -4.72 0.15
C ALA A 352 -15.15 -4.70 -0.40
N LEU A 353 -14.97 -3.88 -1.42
CA LEU A 353 -13.67 -3.57 -2.01
C LEU A 353 -13.33 -2.10 -1.83
N TYR A 354 -12.03 -1.78 -1.62
CA TYR A 354 -11.56 -0.42 -1.71
C TYR A 354 -10.37 -0.38 -2.64
N VAL A 355 -10.25 0.67 -3.45
CA VAL A 355 -8.98 0.96 -4.06
C VAL A 355 -8.22 1.87 -3.10
N THR A 356 -7.17 1.31 -2.47
CA THR A 356 -6.46 2.02 -1.41
C THR A 356 -5.20 2.68 -1.94
N ALA A 357 -4.86 2.43 -3.22
CA ALA A 357 -3.81 3.22 -3.84
C ALA A 357 -3.92 3.07 -5.34
N ASN A 358 -3.96 4.22 -6.04
CA ASN A 358 -3.85 4.25 -7.50
C ASN A 358 -3.41 5.66 -7.88
N GLY A 359 -2.45 5.74 -8.80
CA GLY A 359 -1.84 7.02 -9.16
C GLY A 359 -0.72 6.85 -10.17
N ALA A 360 -0.05 7.97 -10.49
CA ALA A 360 0.97 8.01 -11.51
C ALA A 360 2.07 8.99 -11.15
N ALA A 361 3.29 8.64 -11.58
CA ALA A 361 4.42 9.54 -11.51
C ALA A 361 4.69 10.08 -12.91
N TYR A 362 4.67 11.41 -13.03
CA TYR A 362 5.09 12.10 -14.23
C TYR A 362 6.05 13.23 -13.80
N ASP A 363 6.88 13.70 -14.74
CA ASP A 363 7.85 14.77 -14.51
C ASP A 363 7.06 16.05 -14.28
N ASP A 364 7.14 16.62 -13.07
CA ASP A 364 6.47 17.87 -12.74
C ASP A 364 7.47 19.02 -12.64
N GLN A 365 7.01 20.24 -12.95
CA GLN A 365 7.79 21.48 -12.86
C GLN A 365 6.86 22.59 -12.42
N VAL A 366 7.34 23.47 -11.52
CA VAL A 366 6.61 24.66 -11.13
C VAL A 366 6.80 25.70 -12.23
N SER A 367 5.71 26.23 -12.76
CA SER A 367 5.75 27.28 -13.78
C SER A 367 6.20 28.59 -13.15
N ALA A 368 6.48 29.57 -14.02
CA ALA A 368 6.84 30.92 -13.62
C ALA A 368 5.77 31.47 -12.67
N ALA A 369 4.49 31.21 -13.00
CA ALA A 369 3.35 31.63 -12.20
C ALA A 369 3.14 30.84 -10.89
N GLY A 370 3.99 29.83 -10.57
CA GLY A 370 3.84 29.08 -9.33
C GLY A 370 2.83 27.93 -9.39
N GLU A 371 2.51 27.44 -10.59
CA GLU A 371 1.52 26.39 -10.75
C GLU A 371 2.23 25.12 -11.20
N VAL A 372 1.54 23.98 -11.07
CA VAL A 372 2.10 22.73 -11.53
C VAL A 372 1.07 22.10 -12.45
N ASP A 373 1.34 22.16 -13.76
CA ASP A 373 0.38 21.72 -14.78
C ASP A 373 0.71 20.27 -15.13
N ASP A 374 -0.11 19.30 -14.69
CA ASP A 374 0.18 17.87 -14.87
C ASP A 374 -0.99 17.17 -15.61
N PRO A 375 -1.23 17.49 -16.92
CA PRO A 375 -2.35 16.93 -17.65
C PRO A 375 -2.27 15.42 -17.88
N GLN A 376 -1.07 14.84 -17.82
CA GLN A 376 -0.96 13.39 -18.01
C GLN A 376 -1.46 12.66 -16.75
N ARG A 377 -1.10 13.19 -15.58
CA ARG A 377 -1.55 12.63 -14.31
C ARG A 377 -3.05 12.78 -14.18
N LEU A 378 -3.59 13.92 -14.64
CA LEU A 378 -5.04 14.14 -14.60
C LEU A 378 -5.72 13.12 -15.52
N ALA A 379 -5.21 12.89 -16.73
CA ALA A 379 -5.77 11.90 -17.64
C ALA A 379 -5.72 10.51 -17.03
N TYR A 380 -4.58 10.18 -16.37
CA TYR A 380 -4.44 8.86 -15.73
C TYR A 380 -5.58 8.66 -14.73
N LEU A 381 -5.77 9.63 -13.84
CA LEU A 381 -6.77 9.51 -12.78
C LEU A 381 -8.18 9.45 -13.37
N GLU A 382 -8.48 10.31 -14.33
CA GLU A 382 -9.80 10.30 -14.94
C GLU A 382 -10.12 8.93 -15.53
N GLY A 383 -9.18 8.34 -16.27
CA GLY A 383 -9.39 7.01 -16.83
C GLY A 383 -9.68 5.94 -15.78
N HIS A 384 -8.95 5.96 -14.65
CA HIS A 384 -9.09 4.95 -13.64
C HIS A 384 -10.34 5.20 -12.82
N PHE A 385 -10.74 6.47 -12.61
CA PHE A 385 -12.00 6.71 -11.94
C PHE A 385 -13.18 6.20 -12.79
N GLU A 386 -13.08 6.37 -14.12
CA GLU A 386 -14.11 5.82 -15.03
C GLU A 386 -14.20 4.30 -14.93
N ALA A 387 -13.06 3.59 -14.86
CA ALA A 387 -13.03 2.15 -14.66
C ALA A 387 -13.72 1.75 -13.35
N ALA A 388 -13.48 2.57 -12.31
CA ALA A 388 -14.10 2.32 -11.03
C ALA A 388 -15.61 2.48 -11.16
N TYR A 389 -16.06 3.56 -11.81
CA TYR A 389 -17.49 3.82 -11.98
C TYR A 389 -18.14 2.65 -12.72
N ARG A 390 -17.48 2.08 -13.73
CA ARG A 390 -18.02 0.98 -14.52
C ARG A 390 -18.12 -0.29 -13.64
N ALA A 391 -17.15 -0.47 -12.74
CA ALA A 391 -17.16 -1.58 -11.80
C ALA A 391 -18.38 -1.50 -10.89
N ILE A 392 -18.67 -0.30 -10.38
CA ILE A 392 -19.79 -0.10 -9.49
C ILE A 392 -21.09 -0.39 -10.26
N GLN A 393 -21.19 0.09 -11.49
CA GLN A 393 -22.40 -0.14 -12.28
C GLN A 393 -22.60 -1.63 -12.56
N ALA A 394 -21.53 -2.43 -12.64
CA ALA A 394 -21.61 -3.86 -12.82
C ALA A 394 -21.94 -4.60 -11.52
N GLY A 395 -22.21 -3.89 -10.41
CA GLY A 395 -22.57 -4.51 -9.15
C GLY A 395 -21.38 -4.93 -8.27
N ILE A 396 -20.16 -4.48 -8.58
CA ILE A 396 -19.03 -4.72 -7.69
C ILE A 396 -19.10 -3.78 -6.52
N PRO A 397 -19.00 -4.29 -5.27
CA PRO A 397 -19.21 -3.49 -4.05
C PRO A 397 -17.99 -2.63 -3.70
N LEU A 398 -17.57 -1.77 -4.65
CA LEU A 398 -16.49 -0.83 -4.42
C LEU A 398 -16.99 0.32 -3.55
N LYS A 399 -16.37 0.55 -2.39
CA LYS A 399 -16.87 1.47 -1.40
C LYS A 399 -16.04 2.73 -1.30
N GLY A 400 -14.89 2.72 -1.96
CA GLY A 400 -14.03 3.87 -1.81
C GLY A 400 -12.80 3.79 -2.71
N TYR A 401 -12.13 4.94 -2.84
CA TYR A 401 -11.02 5.12 -3.75
C TYR A 401 -10.09 6.15 -3.14
N PHE A 402 -8.85 5.74 -2.91
CA PHE A 402 -7.79 6.58 -2.39
C PHE A 402 -6.69 6.77 -3.43
N VAL A 403 -6.45 8.02 -3.82
CA VAL A 403 -5.40 8.39 -4.74
C VAL A 403 -4.06 8.25 -4.03
N TRP A 404 -3.12 7.61 -4.70
CA TRP A 404 -1.70 7.60 -4.33
C TRP A 404 -1.04 8.71 -5.15
N SER A 405 -0.65 9.85 -4.56
CA SER A 405 -0.62 10.13 -3.14
C SER A 405 -1.18 11.51 -2.92
N LEU A 406 -1.48 11.83 -1.66
CA LEU A 406 -1.75 13.23 -1.27
C LEU A 406 -0.67 14.15 -1.82
N MET A 407 0.60 13.85 -1.56
CA MET A 407 1.66 14.72 -1.99
C MET A 407 2.89 13.96 -2.39
N ASP A 408 3.74 14.62 -3.18
CA ASP A 408 5.01 14.02 -3.55
C ASP A 408 5.72 13.54 -2.27
N ASN A 409 6.39 12.38 -2.34
CA ASN A 409 7.05 11.91 -1.12
C ASN A 409 8.24 11.01 -1.46
N PHE A 410 8.88 10.46 -0.42
CA PHE A 410 9.96 9.49 -0.61
C PHE A 410 9.39 8.24 -1.26
N GLU A 411 9.82 7.91 -2.48
CA GLU A 411 9.31 6.75 -3.18
C GLU A 411 10.30 5.58 -3.09
N TRP A 412 10.67 5.20 -1.87
CA TRP A 412 11.40 3.98 -1.63
C TRP A 412 12.66 3.94 -2.46
N GLY A 413 12.93 2.85 -3.17
CA GLY A 413 14.17 2.76 -3.94
C GLY A 413 14.34 3.79 -5.06
N ARG A 414 13.28 4.56 -5.40
CA ARG A 414 13.38 5.67 -6.35
C ARG A 414 13.72 7.00 -5.66
N GLY A 415 13.73 7.03 -4.34
CA GLY A 415 14.04 8.25 -3.60
C GLY A 415 12.99 9.33 -3.92
N PHE A 416 13.43 10.58 -3.99
CA PHE A 416 12.51 11.70 -4.19
C PHE A 416 12.30 12.04 -5.67
N GLU A 417 12.94 11.32 -6.57
CA GLU A 417 12.90 11.68 -7.98
C GLU A 417 11.59 11.30 -8.66
N LYS A 418 10.78 10.44 -8.06
CA LYS A 418 9.49 10.13 -8.65
C LYS A 418 8.39 10.73 -7.77
N ARG A 419 7.58 11.58 -8.42
CA ARG A 419 6.53 12.34 -7.78
C ARG A 419 5.17 11.77 -8.13
N PHE A 420 4.47 11.22 -7.12
CA PHE A 420 3.13 10.67 -7.25
C PHE A 420 2.06 11.64 -6.71
N GLY A 421 2.40 12.78 -6.12
CA GLY A 421 1.32 13.55 -5.51
C GLY A 421 0.37 14.22 -6.49
N ILE A 422 -0.81 14.52 -5.98
CA ILE A 422 -1.69 15.52 -6.58
C ILE A 422 -1.37 16.89 -5.95
N VAL A 423 -0.45 16.91 -4.98
CA VAL A 423 0.11 18.13 -4.37
C VAL A 423 1.62 18.06 -4.49
N PHE A 424 2.23 19.11 -5.04
CA PHE A 424 3.66 19.18 -5.25
C PHE A 424 4.33 19.63 -3.95
N VAL A 425 5.54 19.08 -3.70
CA VAL A 425 6.31 19.48 -2.54
C VAL A 425 7.67 19.98 -3.02
N ASP A 426 7.96 21.24 -2.66
CA ASP A 426 9.27 21.80 -2.93
C ASP A 426 10.14 21.42 -1.75
N TYR A 427 11.08 20.48 -1.93
CA TYR A 427 11.74 19.92 -0.77
C TYR A 427 12.71 20.93 -0.11
N ALA A 428 13.18 21.93 -0.86
CA ALA A 428 14.04 22.96 -0.28
C ALA A 428 13.29 23.79 0.77
N THR A 429 11.97 23.96 0.65
CA THR A 429 11.23 24.87 1.51
C THR A 429 10.08 24.20 2.25
N GLN A 430 9.74 22.96 1.85
CA GLN A 430 8.55 22.25 2.33
C GLN A 430 7.25 22.91 1.87
N GLN A 431 7.30 23.77 0.84
CA GLN A 431 6.10 24.38 0.30
C GLN A 431 5.27 23.31 -0.37
N ARG A 432 3.96 23.28 -0.09
CA ARG A 432 3.00 22.46 -0.83
C ARG A 432 2.27 23.33 -1.88
N ILE A 433 2.26 22.89 -3.15
CA ILE A 433 1.43 23.48 -4.20
C ILE A 433 0.43 22.45 -4.74
N ILE A 434 -0.88 22.75 -4.69
CA ILE A 434 -1.84 21.80 -5.27
C ILE A 434 -1.63 21.79 -6.78
N LYS A 435 -1.46 20.60 -7.37
CA LYS A 435 -1.26 20.49 -8.81
C LYS A 435 -2.61 20.67 -9.48
N ARG A 436 -2.56 20.87 -10.79
CA ARG A 436 -3.75 20.85 -11.62
C ARG A 436 -4.60 19.60 -11.42
N SER A 437 -3.96 18.43 -11.30
CA SER A 437 -4.68 17.20 -11.02
C SER A 437 -5.40 17.30 -9.68
N GLY A 438 -4.78 17.91 -8.68
CA GLY A 438 -5.42 18.08 -7.37
C GLY A 438 -6.60 19.05 -7.40
N LYS A 439 -6.49 20.11 -8.21
CA LYS A 439 -7.59 21.04 -8.42
C LYS A 439 -8.76 20.35 -9.11
N TRP A 440 -8.49 19.52 -10.11
CA TRP A 440 -9.53 18.70 -10.71
C TRP A 440 -10.14 17.72 -9.70
N PHE A 441 -9.31 16.97 -8.96
CA PHE A 441 -9.84 16.06 -7.94
C PHE A 441 -10.73 16.81 -6.96
N SER A 442 -10.35 18.04 -6.58
CA SER A 442 -11.15 18.82 -5.65
C SER A 442 -12.59 18.98 -6.14
N GLN A 443 -12.79 19.00 -7.47
CA GLN A 443 -14.16 19.06 -8.01
C GLN A 443 -14.83 17.68 -8.04
N VAL A 444 -14.07 16.60 -8.27
CA VAL A 444 -14.61 15.24 -8.29
C VAL A 444 -15.19 14.84 -6.94
N THR A 445 -14.43 15.06 -5.87
CA THR A 445 -14.86 14.71 -4.53
C THR A 445 -16.16 15.44 -4.17
N ARG A 446 -16.27 16.73 -4.57
CA ARG A 446 -17.43 17.56 -4.23
C ARG A 446 -18.64 17.19 -5.11
N ALA A 447 -18.42 16.86 -6.35
CA ALA A 447 -19.48 16.43 -7.23
C ALA A 447 -19.84 14.96 -6.97
N ASN A 448 -18.98 14.24 -6.24
CA ASN A 448 -19.13 12.81 -6.04
C ASN A 448 -19.20 12.11 -7.39
N GLY A 449 -18.29 12.46 -8.29
CA GLY A 449 -18.27 11.86 -9.61
C GLY A 449 -17.60 12.73 -10.66
N LEU A 450 -17.60 12.24 -11.90
CA LEU A 450 -16.96 12.88 -13.04
C LEU A 450 -17.98 13.78 -13.72
N PRO A 451 -17.55 14.98 -14.21
CA PRO A 451 -18.45 15.88 -14.94
C PRO A 451 -18.98 15.31 -16.26
C2 BGC B . 3.39 -2.32 -7.39
C3 BGC B . 4.71 -2.96 -7.87
C4 BGC B . 5.93 -2.17 -7.43
C5 BGC B . 5.84 -1.82 -5.95
C6 BGC B . 6.99 -0.93 -5.44
C1 BGC B . 3.47 -1.97 -5.91
O1 BGC B . 2.29 -1.37 -5.56
O2 BGC B . 2.30 -3.23 -7.60
O3 BGC B . 4.64 -3.20 -9.29
O4 BGC B . 7.12 -3.00 -7.59
O5 BGC B . 4.61 -1.12 -5.67
O6 BGC B . 7.17 0.16 -6.33
C2 BGC B . 9.18 -3.41 -8.69
C3 BGC B . 9.87 -3.86 -9.94
C4 BGC B . 9.06 -4.96 -10.65
C5 BGC B . 7.64 -4.47 -10.89
C6 BGC B . 6.74 -5.47 -11.60
C1 BGC B . 7.70 -3.15 -8.88
O2 BGC B . 9.82 -2.26 -8.13
O3 BGC B . 11.16 -4.36 -9.57
O4 BGC B . 9.65 -5.33 -11.91
O5 BGC B . 7.06 -4.22 -9.60
O6 BGC B . 5.40 -5.03 -11.52
C2 BGC C . 2.73 1.64 -1.96
C3 BGC C . 3.35 3.05 -1.73
C4 BGC C . 4.15 3.43 -3.00
C5 BGC C . 3.24 3.35 -4.27
C6 BGC C . 3.99 3.56 -5.57
C1 BGC C . 1.81 1.78 -3.20
O1 BGC C . 0.99 0.74 -3.30
O2 BGC C . 2.02 1.12 -0.83
O3 BGC C . 4.11 3.06 -0.51
O4 BGC C . 4.74 4.75 -2.92
O5 BGC C . 2.67 1.99 -4.33
O6 BGC C . 5.00 2.55 -5.75
S SO4 D . 2.66 -20.65 16.93
O1 SO4 D . 1.81 -21.38 16.02
O2 SO4 D . 3.18 -21.54 17.93
O3 SO4 D . 3.79 -20.07 16.21
O4 SO4 D . 1.90 -19.59 17.54
S SO4 E . 11.07 -24.17 10.10
O1 SO4 E . 10.46 -24.62 8.88
O2 SO4 E . 11.05 -25.23 11.08
O3 SO4 E . 12.45 -23.80 9.85
O4 SO4 E . 10.36 -23.04 10.68
S SO4 F . -4.26 -21.49 -9.12
O1 SO4 F . -5.30 -21.97 -9.99
O2 SO4 F . -3.43 -22.62 -8.67
O3 SO4 F . -3.43 -20.57 -9.89
O4 SO4 F . -4.84 -20.83 -7.98
S SO4 G . -8.70 20.85 -16.20
O1 SO4 G . -8.04 20.19 -17.31
O2 SO4 G . -9.80 20.03 -15.75
O3 SO4 G . -7.76 21.04 -15.12
O4 SO4 G . -9.18 22.15 -16.62
#